data_7XDH
#
_entry.id   7XDH
#
_cell.length_a   25.685
_cell.length_b   30.340
_cell.length_c   56.493
_cell.angle_alpha   79.024
_cell.angle_beta   83.357
_cell.angle_gamma   78.197
#
_symmetry.space_group_name_H-M   'P 1'
#
loop_
_entity.id
_entity.type
_entity.pdbx_description
1 polymer "DNA (5'-D(*GP*GP*GP*GP*TP*GP*GP*GP*AP*GP*GP*AP*GP*GP*GP*T)-3')"
2 non-polymer 'POTASSIUM ION'
3 water water
#
_entity_poly.entity_id   1
_entity_poly.type   'polydeoxyribonucleotide'
_entity_poly.pdbx_seq_one_letter_code
;(DG)(DG)(DG)(DG)(DT)(DG)(DG)(DG)(DA)(DG)(DG)(DA)(DG)(DG)(DG)(DT)
;
_entity_poly.pdbx_strand_id   A,B,C,D
#